data_2ISF
#
_entry.id   2ISF
#
_cell.length_a   50.070
_cell.length_b   66.842
_cell.length_c   92.118
_cell.angle_alpha   90.000
_cell.angle_beta   90.000
_cell.angle_gamma   90.000
#
_symmetry.space_group_name_H-M   'P 21 21 21'
#
loop_
_entity.id
_entity.type
_entity.pdbx_description
1 polymer 'Aldose reductase'
2 non-polymer 'NADP NICOTINAMIDE-ADENINE-DINUCLEOTIDE PHOSPHATE'
3 non-polymer '2-PHENYLACETIC ACID'
4 water water
#
_entity_poly.entity_id   1
_entity_poly.type   'polypeptide(L)'
_entity_poly.pdbx_seq_one_letter_code
;ASRLLLNNGAKMPILGLGTWKSPPGQVTEAVKVAIDVGYRHIDCAHVYQNENEVGVAIQEKLREQVVKREELFIVSKLWC
TYHEKGLVKGACQKTLSDLKLDYLDLYLIHWPTGFKPGKEFFPLDESGNVVPSDTNILDTWAAMEELVDEGLVKAIGISN
FNHLQVEMILNKPGLKYKPAVNQIECHPYLTQEKLIQYCQSKGIVVTAYSPLGSPDRPYAKPEDPSLLEDPRIKAIAAKH
NKTTAQVLIRFPMQRNLVVIPKSVTPERIAENFKVFDFELSSQDMTTLLSYNRNWRVAALLSCTSHKDYPFHEEF
;
_entity_poly.pdbx_strand_id   A
#
loop_
_chem_comp.id
_chem_comp.type
_chem_comp.name
_chem_comp.formula
NAP non-polymer 'NADP NICOTINAMIDE-ADENINE-DINUCLEOTIDE PHOSPHATE' 'C21 H28 N7 O17 P3'
PAC non-polymer '2-PHENYLACETIC ACID' 'C8 H8 O2'
#
# COMPACT_ATOMS: atom_id res chain seq x y z
N SER A 2 -13.63 -2.92 11.86
CA SER A 2 -12.25 -2.95 12.44
C SER A 2 -11.29 -3.79 11.59
N ARG A 3 -11.84 -4.85 11.01
CA ARG A 3 -11.08 -5.76 10.15
C ARG A 3 -11.94 -6.17 8.95
N LEU A 4 -11.32 -6.23 7.77
CA LEU A 4 -12.02 -6.63 6.54
C LEU A 4 -11.67 -8.04 6.15
N LEU A 5 -12.66 -8.76 5.63
CA LEU A 5 -12.50 -10.15 5.21
C LEU A 5 -11.94 -10.28 3.79
N LEU A 6 -10.83 -11.01 3.67
CA LEU A 6 -10.17 -11.24 2.38
C LEU A 6 -10.66 -12.58 1.80
N ASN A 7 -10.48 -12.76 0.49
CA ASN A 7 -10.92 -13.98 -0.17
C ASN A 7 -10.21 -15.29 0.21
N ASN A 8 -9.22 -15.21 1.08
CA ASN A 8 -8.52 -16.40 1.54
C ASN A 8 -8.98 -16.74 2.96
N GLY A 9 -9.99 -16.01 3.43
CA GLY A 9 -10.55 -16.22 4.75
C GLY A 9 -9.89 -15.45 5.89
N ALA A 10 -8.81 -14.73 5.58
CA ALA A 10 -8.10 -13.96 6.59
C ALA A 10 -8.73 -12.60 6.84
N LYS A 11 -8.49 -12.05 8.02
CA LYS A 11 -9.02 -10.75 8.43
C LYS A 11 -7.89 -9.73 8.36
N MET A 12 -8.13 -8.63 7.66
CA MET A 12 -7.13 -7.58 7.49
C MET A 12 -7.52 -6.28 8.22
N PRO A 13 -6.67 -5.83 9.17
CA PRO A 13 -6.95 -4.59 9.93
C PRO A 13 -7.14 -3.41 8.98
N ILE A 14 -8.27 -2.72 9.11
CA ILE A 14 -8.61 -1.60 8.26
C ILE A 14 -7.61 -0.45 8.35
N LEU A 15 -6.88 -0.39 9.46
CA LEU A 15 -5.87 0.65 9.67
C LEU A 15 -4.47 0.03 9.79
N GLY A 16 -3.52 0.63 9.10
CA GLY A 16 -2.14 0.15 9.15
C GLY A 16 -1.14 1.29 9.12
N LEU A 17 0.11 1.01 9.46
CA LEU A 17 1.16 2.02 9.48
C LEU A 17 2.05 1.93 8.24
N GLY A 18 2.15 3.02 7.48
CA GLY A 18 3.00 3.02 6.29
C GLY A 18 4.46 3.29 6.68
N THR A 19 5.40 2.86 5.85
CA THR A 19 6.82 3.03 6.17
C THR A 19 7.71 3.62 5.07
N TRP A 20 7.11 4.10 3.98
CA TRP A 20 7.88 4.71 2.91
C TRP A 20 8.33 6.08 3.43
N LYS A 21 9.63 6.35 3.29
CA LYS A 21 10.26 7.61 3.73
C LYS A 21 10.59 7.62 5.21
N SER A 22 10.32 6.52 5.89
CA SER A 22 10.62 6.39 7.30
C SER A 22 12.07 5.97 7.42
N PRO A 23 12.93 6.88 7.91
CA PRO A 23 14.37 6.63 8.08
C PRO A 23 14.65 5.41 8.92
N PRO A 24 15.75 4.68 8.62
CA PRO A 24 16.11 3.48 9.37
C PRO A 24 16.34 3.76 10.85
N GLY A 25 16.83 4.96 11.16
CA GLY A 25 17.07 5.35 12.53
C GLY A 25 15.84 5.84 13.31
N GLN A 26 14.67 5.87 12.67
CA GLN A 26 13.44 6.33 13.33
C GLN A 26 12.27 5.35 13.23
N VAL A 27 12.30 4.45 12.26
CA VAL A 27 11.23 3.50 12.02
C VAL A 27 11.04 2.37 13.06
N THR A 28 12.13 1.93 13.69
CA THR A 28 12.04 0.87 14.68
C THR A 28 11.21 1.38 15.85
N GLU A 29 11.53 2.59 16.30
CA GLU A 29 10.81 3.20 17.40
C GLU A 29 9.38 3.51 17.00
N ALA A 30 9.20 3.90 15.75
CA ALA A 30 7.88 4.24 15.23
C ALA A 30 6.97 3.01 15.22
N VAL A 31 7.49 1.87 14.77
CA VAL A 31 6.70 0.64 14.72
C VAL A 31 6.42 0.11 16.13
N LYS A 32 7.36 0.32 17.06
CA LYS A 32 7.19 -0.11 18.45
C LYS A 32 6.05 0.66 19.09
N VAL A 33 6.05 1.99 18.91
CA VAL A 33 5.01 2.85 19.45
C VAL A 33 3.65 2.49 18.83
N ALA A 34 3.66 2.25 17.51
CA ALA A 34 2.44 1.89 16.80
C ALA A 34 1.80 0.64 17.38
N ILE A 35 2.60 -0.40 17.60
CA ILE A 35 2.08 -1.65 18.15
C ILE A 35 1.52 -1.45 19.57
N ASP A 36 2.18 -0.63 20.37
CA ASP A 36 1.72 -0.32 21.74
C ASP A 36 0.37 0.41 21.69
N VAL A 37 0.25 1.35 20.75
CA VAL A 37 -0.95 2.15 20.55
C VAL A 37 -2.12 1.33 20.04
N GLY A 38 -1.84 0.24 19.34
CA GLY A 38 -2.93 -0.59 18.85
C GLY A 38 -2.87 -1.02 17.41
N TYR A 39 -1.89 -0.53 16.66
CA TYR A 39 -1.74 -0.91 15.25
C TYR A 39 -1.39 -2.38 15.16
N ARG A 40 -2.05 -3.07 14.24
CA ARG A 40 -1.84 -4.50 14.03
C ARG A 40 -1.57 -4.78 12.55
N HIS A 41 -1.33 -3.72 11.79
CA HIS A 41 -1.07 -3.81 10.36
C HIS A 41 0.07 -2.86 9.99
N ILE A 42 1.14 -3.40 9.43
CA ILE A 42 2.29 -2.61 9.01
C ILE A 42 2.50 -2.80 7.51
N ASP A 43 2.61 -1.70 6.77
CA ASP A 43 2.84 -1.80 5.33
C ASP A 43 4.32 -1.57 5.04
N CYS A 44 4.96 -2.55 4.41
CA CYS A 44 6.39 -2.48 4.09
C CYS A 44 6.68 -2.72 2.61
N ALA A 45 7.96 -2.65 2.26
CA ALA A 45 8.44 -2.88 0.90
C ALA A 45 9.96 -2.88 0.88
N HIS A 46 10.51 -3.80 0.08
CA HIS A 46 11.96 -3.93 -0.06
C HIS A 46 12.62 -2.63 -0.51
N VAL A 47 11.98 -1.94 -1.44
CA VAL A 47 12.48 -0.69 -2.00
C VAL A 47 12.54 0.48 -1.00
N TYR A 48 11.93 0.31 0.17
CA TYR A 48 11.95 1.38 1.18
C TYR A 48 13.29 1.42 1.92
N GLN A 49 14.08 0.34 1.77
CA GLN A 49 15.39 0.20 2.38
C GLN A 49 15.41 0.30 3.91
N ASN A 50 14.33 -0.15 4.56
CA ASN A 50 14.24 -0.10 6.02
C ASN A 50 13.54 -1.30 6.64
N GLU A 51 13.38 -2.37 5.87
CA GLU A 51 12.69 -3.55 6.37
C GLU A 51 13.43 -4.23 7.51
N ASN A 52 14.76 -4.12 7.52
CA ASN A 52 15.56 -4.71 8.58
C ASN A 52 15.20 -4.02 9.89
N GLU A 53 15.10 -2.70 9.84
CA GLU A 53 14.78 -1.89 11.00
C GLU A 53 13.33 -2.03 11.47
N VAL A 54 12.43 -2.30 10.52
CA VAL A 54 11.01 -2.53 10.84
C VAL A 54 10.95 -3.88 11.57
N GLY A 55 11.68 -4.85 11.04
CA GLY A 55 11.74 -6.17 11.62
C GLY A 55 12.23 -6.18 13.06
N VAL A 56 13.19 -5.30 13.38
CA VAL A 56 13.71 -5.22 14.76
C VAL A 56 12.58 -4.86 15.72
N ALA A 57 11.69 -3.98 15.29
CA ALA A 57 10.57 -3.55 16.11
C ALA A 57 9.57 -4.68 16.35
N ILE A 58 9.19 -5.35 15.26
CA ILE A 58 8.25 -6.47 15.31
C ILE A 58 8.77 -7.59 16.23
N GLN A 59 10.05 -7.94 16.12
CA GLN A 59 10.65 -8.98 16.96
C GLN A 59 10.66 -8.61 18.44
N GLU A 60 10.87 -7.34 18.73
CA GLU A 60 10.90 -6.87 20.12
C GLU A 60 9.54 -6.99 20.77
N LYS A 61 8.49 -6.64 20.02
CA LYS A 61 7.14 -6.71 20.56
C LYS A 61 6.66 -8.15 20.70
N LEU A 62 7.11 -9.04 19.81
CA LEU A 62 6.75 -10.45 19.89
C LEU A 62 7.41 -11.09 21.13
N ARG A 63 8.68 -10.75 21.36
CA ARG A 63 9.42 -11.28 22.51
C ARG A 63 8.82 -10.77 23.81
N GLU A 64 8.30 -9.55 23.76
CA GLU A 64 7.68 -8.86 24.89
C GLU A 64 6.28 -9.39 25.21
N GLN A 65 5.73 -10.19 24.32
CA GLN A 65 4.39 -10.78 24.49
C GLN A 65 3.27 -9.76 24.32
N VAL A 66 3.59 -8.59 23.76
CA VAL A 66 2.61 -7.53 23.54
C VAL A 66 1.58 -7.99 22.50
N VAL A 67 2.05 -8.80 21.56
CA VAL A 67 1.20 -9.34 20.49
C VAL A 67 1.75 -10.69 20.11
N LYS A 68 0.91 -11.57 19.58
CA LYS A 68 1.39 -12.85 19.09
C LYS A 68 1.37 -12.70 17.57
N ARG A 69 2.22 -13.45 16.88
CA ARG A 69 2.32 -13.35 15.42
C ARG A 69 0.99 -13.33 14.68
N GLU A 70 0.04 -14.17 15.09
CA GLU A 70 -1.27 -14.28 14.45
C GLU A 70 -2.12 -13.00 14.50
N GLU A 71 -1.80 -12.12 15.43
CA GLU A 71 -2.53 -10.86 15.56
C GLU A 71 -2.03 -9.80 14.60
N LEU A 72 -0.80 -9.97 14.12
CA LEU A 72 -0.19 -9.01 13.21
C LEU A 72 -0.48 -9.32 11.74
N PHE A 73 -0.60 -8.27 10.94
CA PHE A 73 -0.83 -8.40 9.52
C PHE A 73 0.30 -7.63 8.85
N ILE A 74 1.32 -8.35 8.39
CA ILE A 74 2.48 -7.74 7.76
C ILE A 74 2.38 -7.81 6.25
N VAL A 75 2.57 -6.66 5.61
CA VAL A 75 2.49 -6.58 4.16
C VAL A 75 3.79 -6.06 3.58
N SER A 76 4.24 -6.69 2.50
CA SER A 76 5.43 -6.26 1.80
C SER A 76 5.15 -6.36 0.30
N LYS A 77 6.10 -5.91 -0.52
CA LYS A 77 5.88 -5.89 -1.94
C LYS A 77 7.09 -6.29 -2.78
N LEU A 78 6.81 -6.92 -3.91
CA LEU A 78 7.81 -7.38 -4.87
C LEU A 78 8.22 -6.21 -5.78
N TRP A 79 9.50 -5.81 -5.75
CA TRP A 79 9.95 -4.72 -6.60
C TRP A 79 10.02 -5.12 -8.09
N CYS A 80 9.98 -4.11 -8.96
CA CYS A 80 10.00 -4.26 -10.42
C CYS A 80 11.18 -5.01 -11.04
N THR A 81 12.32 -4.99 -10.36
CA THR A 81 13.52 -5.67 -10.86
C THR A 81 13.54 -7.17 -10.54
N TYR A 82 12.48 -7.67 -9.90
CA TYR A 82 12.41 -9.08 -9.54
C TYR A 82 11.18 -9.78 -10.13
N HIS A 83 10.68 -9.28 -11.26
CA HIS A 83 9.50 -9.86 -11.90
C HIS A 83 9.71 -11.20 -12.60
N GLU A 84 10.94 -11.52 -13.00
CA GLU A 84 11.18 -12.80 -13.69
C GLU A 84 10.86 -14.00 -12.79
N LYS A 85 10.41 -15.08 -13.42
CA LYS A 85 10.05 -16.34 -12.75
C LYS A 85 11.02 -16.79 -11.65
N GLY A 86 12.30 -16.91 -11.98
CA GLY A 86 13.28 -17.37 -11.01
C GLY A 86 13.68 -16.44 -9.88
N LEU A 87 13.35 -15.15 -10.01
CA LEU A 87 13.72 -14.18 -8.98
C LEU A 87 12.69 -13.85 -7.91
N VAL A 88 11.43 -14.22 -8.14
CA VAL A 88 10.35 -13.92 -7.19
C VAL A 88 10.50 -14.56 -5.81
N LYS A 89 10.83 -15.85 -5.76
CA LYS A 89 10.99 -16.54 -4.48
C LYS A 89 12.14 -15.95 -3.68
N GLY A 90 13.22 -15.62 -4.37
CA GLY A 90 14.39 -15.05 -3.72
C GLY A 90 14.17 -13.67 -3.13
N ALA A 91 13.33 -12.87 -3.78
CA ALA A 91 13.04 -11.52 -3.32
C ALA A 91 12.16 -11.60 -2.09
N CYS A 92 11.22 -12.55 -2.07
CA CYS A 92 10.33 -12.74 -0.94
C CYS A 92 11.15 -13.20 0.27
N GLN A 93 12.06 -14.12 0.03
CA GLN A 93 12.91 -14.65 1.10
C GLN A 93 13.82 -13.57 1.71
N LYS A 94 14.30 -12.63 0.89
CA LYS A 94 15.15 -11.55 1.38
C LYS A 94 14.33 -10.68 2.33
N THR A 95 13.11 -10.36 1.92
CA THR A 95 12.21 -9.54 2.73
C THR A 95 11.88 -10.28 4.02
N LEU A 96 11.60 -11.58 3.94
CA LEU A 96 11.29 -12.35 5.14
C LEU A 96 12.43 -12.36 6.16
N SER A 97 13.67 -12.41 5.68
CA SER A 97 14.84 -12.42 6.57
C SER A 97 15.07 -11.06 7.21
N ASP A 98 14.88 -9.99 6.44
CA ASP A 98 15.05 -8.63 6.94
C ASP A 98 13.99 -8.37 8.01
N LEU A 99 12.76 -8.79 7.75
CA LEU A 99 11.65 -8.61 8.70
C LEU A 99 11.71 -9.63 9.85
N LYS A 100 12.48 -10.70 9.65
CA LYS A 100 12.67 -11.79 10.62
C LYS A 100 11.37 -12.53 10.94
N LEU A 101 10.67 -12.91 9.89
CA LEU A 101 9.40 -13.64 9.99
C LEU A 101 9.52 -14.89 9.14
N ASP A 102 8.60 -15.85 9.29
CA ASP A 102 8.66 -17.04 8.44
C ASP A 102 7.54 -17.07 7.41
N TYR A 103 6.67 -16.07 7.47
CA TYR A 103 5.59 -15.93 6.50
C TYR A 103 5.07 -14.50 6.52
N LEU A 104 4.58 -14.05 5.37
CA LEU A 104 4.01 -12.72 5.23
C LEU A 104 2.51 -12.94 5.12
N ASP A 105 1.73 -11.98 5.60
CA ASP A 105 0.28 -12.09 5.51
C ASP A 105 -0.22 -11.74 4.11
N LEU A 106 0.43 -10.76 3.48
CA LEU A 106 0.09 -10.30 2.14
C LEU A 106 1.34 -9.87 1.40
N TYR A 107 1.49 -10.34 0.15
CA TYR A 107 2.63 -9.97 -0.68
C TYR A 107 2.04 -9.40 -1.97
N LEU A 108 2.42 -8.15 -2.28
CA LEU A 108 1.91 -7.47 -3.46
C LEU A 108 2.95 -7.25 -4.55
N ILE A 109 2.50 -7.23 -5.80
CA ILE A 109 3.38 -6.90 -6.92
C ILE A 109 3.28 -5.37 -6.86
N HIS A 110 4.38 -4.74 -6.47
CA HIS A 110 4.48 -3.29 -6.29
C HIS A 110 3.95 -2.44 -7.45
N TRP A 111 4.37 -2.77 -8.66
CA TRP A 111 3.97 -2.05 -9.88
C TRP A 111 3.85 -3.11 -10.97
N PRO A 112 2.94 -2.90 -11.93
CA PRO A 112 2.79 -3.87 -13.02
C PRO A 112 3.96 -3.86 -14.01
N THR A 113 4.81 -2.85 -13.90
CA THR A 113 5.97 -2.68 -14.76
C THR A 113 7.18 -3.48 -14.29
N GLY A 114 7.76 -4.27 -15.20
CA GLY A 114 8.93 -5.06 -14.87
C GLY A 114 10.18 -4.37 -15.44
N PHE A 115 11.23 -4.29 -14.63
CA PHE A 115 12.49 -3.66 -15.04
C PHE A 115 13.59 -4.72 -15.18
N LYS A 116 14.67 -4.35 -15.86
CA LYS A 116 15.80 -5.26 -16.04
C LYS A 116 16.41 -5.60 -14.69
N PRO A 117 16.61 -6.89 -14.41
CA PRO A 117 17.20 -7.30 -13.13
C PRO A 117 18.60 -6.71 -12.90
N GLY A 118 18.92 -6.45 -11.64
CA GLY A 118 20.21 -5.90 -11.29
C GLY A 118 20.20 -5.32 -9.89
N LYS A 119 21.25 -4.58 -9.53
CA LYS A 119 21.35 -3.96 -8.22
C LYS A 119 20.58 -2.63 -8.12
N GLU A 120 20.47 -1.95 -9.26
CA GLU A 120 19.78 -0.67 -9.34
C GLU A 120 18.27 -0.90 -9.34
N PHE A 121 17.55 -0.14 -8.52
CA PHE A 121 16.09 -0.26 -8.42
C PHE A 121 15.45 0.30 -9.69
N PHE A 122 16.09 1.32 -10.26
CA PHE A 122 15.62 1.96 -11.48
C PHE A 122 16.79 1.90 -12.47
N PRO A 123 16.96 0.76 -13.15
CA PRO A 123 18.03 0.55 -14.13
C PRO A 123 17.89 1.45 -15.36
N LEU A 124 18.99 2.14 -15.70
CA LEU A 124 18.98 3.05 -16.84
C LEU A 124 20.00 2.61 -17.90
N ASP A 125 19.78 3.10 -19.13
CA ASP A 125 20.69 2.81 -20.24
C ASP A 125 21.59 4.04 -20.47
N GLU A 126 22.24 4.12 -21.64
CA GLU A 126 23.12 5.28 -21.91
C GLU A 126 22.33 6.56 -22.19
N SER A 127 21.08 6.40 -22.61
CA SER A 127 20.21 7.54 -22.92
C SER A 127 19.58 8.15 -21.66
N GLY A 128 19.42 7.34 -20.61
CA GLY A 128 18.86 7.85 -19.37
C GLY A 128 17.48 7.33 -18.99
N ASN A 129 16.85 6.55 -19.86
CA ASN A 129 15.53 6.02 -19.56
C ASN A 129 15.60 4.62 -18.93
N VAL A 130 14.49 4.21 -18.31
CA VAL A 130 14.40 2.92 -17.66
C VAL A 130 14.37 1.76 -18.65
N VAL A 131 15.18 0.74 -18.36
CA VAL A 131 15.27 -0.46 -19.20
C VAL A 131 14.20 -1.45 -18.72
N PRO A 132 13.27 -1.82 -19.61
CA PRO A 132 12.22 -2.75 -19.23
C PRO A 132 12.65 -4.21 -19.31
N SER A 133 11.85 -5.07 -18.70
CA SER A 133 12.07 -6.50 -18.74
C SER A 133 11.01 -6.98 -19.75
N ASP A 134 11.26 -8.09 -20.44
CA ASP A 134 10.27 -8.58 -21.41
C ASP A 134 9.17 -9.43 -20.78
N THR A 135 9.26 -9.62 -19.46
CA THR A 135 8.27 -10.38 -18.71
C THR A 135 6.92 -9.69 -18.72
N ASN A 136 5.86 -10.45 -18.45
CA ASN A 136 4.52 -9.90 -18.41
C ASN A 136 3.86 -10.17 -17.07
N ILE A 137 2.71 -9.54 -16.86
CA ILE A 137 1.95 -9.64 -15.62
C ILE A 137 1.50 -11.07 -15.27
N LEU A 138 1.14 -11.85 -16.29
CA LEU A 138 0.66 -13.22 -16.08
C LEU A 138 1.73 -14.20 -15.59
N ASP A 139 2.94 -14.10 -16.14
CA ASP A 139 4.06 -14.95 -15.73
C ASP A 139 4.52 -14.59 -14.31
N THR A 140 4.46 -13.32 -13.95
CA THR A 140 4.85 -12.88 -12.61
C THR A 140 3.81 -13.35 -11.60
N TRP A 141 2.53 -13.36 -12.00
CA TRP A 141 1.46 -13.81 -11.11
C TRP A 141 1.57 -15.28 -10.77
N ALA A 142 1.93 -16.11 -11.75
CA ALA A 142 2.08 -17.55 -11.54
C ALA A 142 3.22 -17.82 -10.53
N ALA A 143 4.23 -16.96 -10.53
CA ALA A 143 5.35 -17.10 -9.59
C ALA A 143 4.91 -16.70 -8.18
N MET A 144 3.96 -15.77 -8.11
CA MET A 144 3.42 -15.30 -6.84
C MET A 144 2.50 -16.36 -6.27
N GLU A 145 1.82 -17.09 -7.15
CA GLU A 145 0.91 -18.17 -6.75
C GLU A 145 1.64 -19.31 -6.06
N GLU A 146 2.85 -19.63 -6.52
CA GLU A 146 3.58 -20.72 -5.89
C GLU A 146 4.19 -20.38 -4.52
N LEU A 147 4.24 -19.09 -4.17
CA LEU A 147 4.74 -18.67 -2.87
C LEU A 147 3.68 -19.07 -1.83
N VAL A 148 2.42 -19.05 -2.26
CA VAL A 148 1.29 -19.46 -1.42
C VAL A 148 1.36 -20.98 -1.25
N ASP A 149 1.64 -21.67 -2.36
CA ASP A 149 1.77 -23.13 -2.36
C ASP A 149 2.94 -23.63 -1.52
N GLU A 150 3.92 -22.76 -1.30
CA GLU A 150 5.10 -23.13 -0.51
C GLU A 150 5.01 -22.66 0.95
N GLY A 151 3.96 -21.92 1.26
CA GLY A 151 3.77 -21.44 2.62
C GLY A 151 4.48 -20.16 3.01
N LEU A 152 5.18 -19.54 2.05
CA LEU A 152 5.89 -18.29 2.33
C LEU A 152 4.96 -17.10 2.58
N VAL A 153 3.83 -17.07 1.88
CA VAL A 153 2.85 -16.01 2.05
C VAL A 153 1.45 -16.61 2.14
N LYS A 154 0.57 -15.95 2.89
CA LYS A 154 -0.80 -16.42 3.09
C LYS A 154 -1.74 -15.90 2.01
N ALA A 155 -1.43 -14.72 1.48
CA ALA A 155 -2.24 -14.10 0.44
C ALA A 155 -1.38 -13.29 -0.51
N ILE A 156 -1.81 -13.17 -1.75
CA ILE A 156 -1.07 -12.39 -2.74
C ILE A 156 -1.99 -11.31 -3.31
N GLY A 157 -1.38 -10.22 -3.78
CA GLY A 157 -2.17 -9.14 -4.31
C GLY A 157 -1.39 -8.30 -5.27
N ILE A 158 -1.97 -7.17 -5.65
CA ILE A 158 -1.35 -6.27 -6.60
C ILE A 158 -1.38 -4.82 -6.11
N SER A 159 -0.62 -3.97 -6.78
CA SER A 159 -0.55 -2.56 -6.43
C SER A 159 -0.37 -1.71 -7.69
N ASN A 160 -1.17 -0.64 -7.80
CA ASN A 160 -1.14 0.27 -8.94
C ASN A 160 -1.52 -0.41 -10.26
N PHE A 161 -2.46 -1.34 -10.19
CA PHE A 161 -2.91 -2.03 -11.39
C PHE A 161 -4.20 -1.38 -11.84
N ASN A 162 -4.31 -1.07 -13.13
CA ASN A 162 -5.54 -0.48 -13.64
C ASN A 162 -6.56 -1.62 -13.83
N HIS A 163 -7.81 -1.27 -14.16
CA HIS A 163 -8.85 -2.28 -14.32
C HIS A 163 -8.61 -3.36 -15.38
N LEU A 164 -7.97 -3.00 -16.48
CA LEU A 164 -7.68 -3.94 -17.55
C LEU A 164 -6.60 -4.94 -17.15
N GLN A 165 -5.63 -4.48 -16.37
CA GLN A 165 -4.54 -5.34 -15.90
C GLN A 165 -5.11 -6.34 -14.90
N VAL A 166 -6.04 -5.88 -14.06
CA VAL A 166 -6.72 -6.74 -13.09
C VAL A 166 -7.54 -7.78 -13.88
N GLU A 167 -8.19 -7.32 -14.96
CA GLU A 167 -9.00 -8.19 -15.83
C GLU A 167 -8.14 -9.33 -16.35
N MET A 168 -6.95 -9.00 -16.88
CA MET A 168 -6.01 -9.98 -17.40
C MET A 168 -5.77 -11.12 -16.42
N ILE A 169 -5.51 -10.77 -15.16
CA ILE A 169 -5.26 -11.77 -14.13
C ILE A 169 -6.50 -12.60 -13.87
N LEU A 170 -7.65 -11.95 -13.74
CA LEU A 170 -8.89 -12.65 -13.48
C LEU A 170 -9.29 -13.59 -14.62
N ASN A 171 -8.89 -13.24 -15.84
CA ASN A 171 -9.19 -14.04 -17.03
C ASN A 171 -8.04 -14.93 -17.49
N LYS A 172 -7.03 -15.06 -16.64
CA LYS A 172 -5.85 -15.87 -16.94
C LYS A 172 -6.20 -17.37 -16.89
N PRO A 173 -5.80 -18.12 -17.92
CA PRO A 173 -6.07 -19.56 -17.97
C PRO A 173 -5.36 -20.31 -16.85
N GLY A 174 -6.12 -21.11 -16.09
CA GLY A 174 -5.54 -21.86 -14.99
C GLY A 174 -5.31 -21.07 -13.70
N LEU A 175 -5.93 -19.90 -13.57
CA LEU A 175 -5.79 -19.06 -12.37
C LEU A 175 -6.10 -19.86 -11.10
N LYS A 176 -5.13 -19.92 -10.18
CA LYS A 176 -5.28 -20.66 -8.94
C LYS A 176 -5.65 -19.76 -7.75
N TYR A 177 -5.07 -18.57 -7.68
CA TYR A 177 -5.37 -17.64 -6.59
C TYR A 177 -5.72 -16.24 -7.08
N LYS A 178 -6.90 -15.76 -6.70
CA LYS A 178 -7.34 -14.42 -7.08
C LYS A 178 -6.58 -13.38 -6.27
N PRO A 179 -6.36 -12.19 -6.85
CA PRO A 179 -5.66 -11.12 -6.13
C PRO A 179 -6.58 -10.78 -4.95
N ALA A 180 -6.03 -10.76 -3.74
CA ALA A 180 -6.84 -10.45 -2.58
C ALA A 180 -6.98 -8.95 -2.37
N VAL A 181 -5.94 -8.21 -2.76
CA VAL A 181 -5.92 -6.77 -2.56
C VAL A 181 -5.27 -6.02 -3.73
N ASN A 182 -5.77 -4.80 -3.97
CA ASN A 182 -5.21 -3.91 -4.97
C ASN A 182 -5.00 -2.62 -4.19
N GLN A 183 -3.75 -2.33 -3.88
CA GLN A 183 -3.38 -1.13 -3.14
C GLN A 183 -3.12 -0.01 -4.14
N ILE A 184 -3.93 1.04 -4.05
CA ILE A 184 -3.84 2.19 -4.95
C ILE A 184 -3.84 3.53 -4.21
N GLU A 185 -3.42 4.57 -4.91
CA GLU A 185 -3.38 5.93 -4.37
C GLU A 185 -4.81 6.44 -4.27
N CYS A 186 -5.20 6.91 -3.09
CA CYS A 186 -6.56 7.40 -2.91
C CYS A 186 -6.70 8.41 -1.77
N HIS A 187 -7.33 9.54 -2.09
CA HIS A 187 -7.56 10.64 -1.17
C HIS A 187 -8.58 11.56 -1.84
N PRO A 188 -9.01 12.65 -1.18
CA PRO A 188 -9.98 13.57 -1.79
C PRO A 188 -9.67 14.21 -3.15
N TYR A 189 -8.40 14.30 -3.55
CA TYR A 189 -8.01 14.87 -4.84
C TYR A 189 -7.92 13.83 -5.96
N LEU A 190 -8.03 12.56 -5.59
CA LEU A 190 -8.00 11.42 -6.51
C LEU A 190 -8.88 10.34 -5.87
N THR A 191 -10.19 10.54 -5.98
CA THR A 191 -11.19 9.65 -5.38
C THR A 191 -11.29 8.21 -5.91
N GLN A 192 -10.87 7.99 -7.15
CA GLN A 192 -10.86 6.66 -7.77
C GLN A 192 -12.15 5.85 -7.68
N GLU A 193 -13.29 6.52 -7.86
CA GLU A 193 -14.59 5.86 -7.76
C GLU A 193 -14.82 4.69 -8.71
N LYS A 194 -14.33 4.80 -9.94
CA LYS A 194 -14.49 3.73 -10.95
C LYS A 194 -13.62 2.50 -10.67
N LEU A 195 -12.36 2.70 -10.30
CA LEU A 195 -11.48 1.59 -10.03
C LEU A 195 -11.93 0.89 -8.74
N ILE A 196 -12.34 1.68 -7.76
CA ILE A 196 -12.80 1.13 -6.50
C ILE A 196 -14.07 0.29 -6.70
N GLN A 197 -15.06 0.83 -7.38
CA GLN A 197 -16.31 0.09 -7.64
C GLN A 197 -16.04 -1.21 -8.40
N TYR A 198 -15.13 -1.17 -9.38
CA TYR A 198 -14.78 -2.34 -10.16
C TYR A 198 -14.15 -3.42 -9.29
N CYS A 199 -13.14 -3.05 -8.51
CA CYS A 199 -12.44 -3.99 -7.64
C CYS A 199 -13.37 -4.61 -6.61
N GLN A 200 -14.17 -3.77 -5.97
CA GLN A 200 -15.10 -4.23 -4.94
C GLN A 200 -16.16 -5.18 -5.47
N SER A 201 -16.51 -5.05 -6.74
CA SER A 201 -17.52 -5.91 -7.34
C SER A 201 -16.95 -7.30 -7.62
N LYS A 202 -15.63 -7.39 -7.75
CA LYS A 202 -14.96 -8.66 -8.01
C LYS A 202 -14.43 -9.33 -6.72
N GLY A 203 -14.76 -8.75 -5.56
CA GLY A 203 -14.30 -9.31 -4.30
C GLY A 203 -12.86 -9.00 -3.94
N ILE A 204 -12.33 -7.92 -4.50
CA ILE A 204 -10.96 -7.51 -4.24
C ILE A 204 -10.98 -6.31 -3.29
N VAL A 205 -10.25 -6.42 -2.17
CA VAL A 205 -10.16 -5.36 -1.18
C VAL A 205 -9.23 -4.27 -1.67
N VAL A 206 -9.64 -3.03 -1.48
CA VAL A 206 -8.83 -1.91 -1.89
C VAL A 206 -8.14 -1.28 -0.70
N THR A 207 -6.84 -1.01 -0.84
CA THR A 207 -6.06 -0.34 0.19
C THR A 207 -5.70 1.03 -0.39
N ALA A 208 -5.99 2.08 0.35
CA ALA A 208 -5.69 3.45 -0.07
C ALA A 208 -4.36 3.93 0.51
N TYR A 209 -3.40 4.25 -0.35
CA TYR A 209 -2.12 4.74 0.10
C TYR A 209 -2.06 6.25 -0.12
N SER A 210 -1.11 6.92 0.54
CA SER A 210 -0.97 8.37 0.45
C SER A 210 -2.30 9.10 0.79
N PRO A 211 -2.98 8.67 1.88
CA PRO A 211 -4.25 9.27 2.29
C PRO A 211 -4.20 10.76 2.70
N LEU A 212 -3.03 11.23 3.12
CA LEU A 212 -2.86 12.61 3.54
C LEU A 212 -2.23 13.45 2.42
N GLY A 213 -2.07 12.85 1.25
CA GLY A 213 -1.48 13.56 0.13
C GLY A 213 0.03 13.47 0.08
N SER A 214 0.62 12.69 0.99
CA SER A 214 2.06 12.50 1.06
C SER A 214 2.83 13.83 1.05
N PRO A 215 2.68 14.66 2.11
CA PRO A 215 3.39 15.94 2.14
C PRO A 215 4.91 15.85 2.16
N ASP A 216 5.45 14.65 2.43
CA ASP A 216 6.90 14.46 2.48
C ASP A 216 7.56 13.81 1.26
N ARG A 217 6.83 13.68 0.16
CA ARG A 217 7.37 13.11 -1.07
C ARG A 217 8.56 13.98 -1.52
N PRO A 218 9.61 13.36 -2.08
CA PRO A 218 10.82 14.04 -2.54
C PRO A 218 10.63 15.02 -3.70
N TYR A 219 9.65 14.72 -4.55
CA TYR A 219 9.35 15.54 -5.71
C TYR A 219 8.31 16.65 -5.44
N ALA A 220 8.19 17.03 -4.17
CA ALA A 220 7.23 18.04 -3.75
C ALA A 220 7.53 19.45 -4.23
N LYS A 221 6.49 20.15 -4.68
CA LYS A 221 6.61 21.51 -5.17
C LYS A 221 5.70 22.44 -4.35
N PRO A 222 6.13 23.70 -4.13
CA PRO A 222 5.36 24.70 -3.37
C PRO A 222 4.02 25.11 -4.00
N GLU A 223 3.80 24.75 -5.26
CA GLU A 223 2.53 25.08 -5.93
C GLU A 223 1.56 23.92 -5.99
N ASP A 224 1.99 22.76 -5.48
CA ASP A 224 1.14 21.56 -5.45
C ASP A 224 0.09 21.72 -4.36
N PRO A 225 -1.13 21.20 -4.58
CA PRO A 225 -2.23 21.27 -3.62
C PRO A 225 -1.98 20.44 -2.36
N SER A 226 -2.35 21.01 -1.22
CA SER A 226 -2.16 20.35 0.07
C SER A 226 -3.49 20.00 0.73
N LEU A 227 -3.69 18.71 1.00
CA LEU A 227 -4.92 18.23 1.63
C LEU A 227 -5.02 18.67 3.09
N LEU A 228 -3.93 18.53 3.83
CA LEU A 228 -3.88 18.89 5.24
C LEU A 228 -4.17 20.37 5.51
N GLU A 229 -3.99 21.22 4.51
CA GLU A 229 -4.22 22.65 4.66
C GLU A 229 -5.46 23.16 3.91
N ASP A 230 -6.18 22.26 3.24
CA ASP A 230 -7.39 22.63 2.49
C ASP A 230 -8.42 23.20 3.48
N PRO A 231 -8.84 24.46 3.28
CA PRO A 231 -9.82 25.13 4.16
C PRO A 231 -11.16 24.40 4.26
N ARG A 232 -11.58 23.80 3.15
CA ARG A 232 -12.82 23.07 3.07
C ARG A 232 -12.78 21.79 3.90
N ILE A 233 -11.61 21.17 3.96
CA ILE A 233 -11.44 19.95 4.75
C ILE A 233 -11.22 20.32 6.22
N LYS A 234 -10.65 21.50 6.47
CA LYS A 234 -10.43 21.98 7.83
C LYS A 234 -11.77 22.25 8.49
N ALA A 235 -12.71 22.78 7.71
CA ALA A 235 -14.05 23.08 8.19
C ALA A 235 -14.78 21.83 8.68
N ILE A 236 -14.71 20.77 7.90
CA ILE A 236 -15.36 19.51 8.25
C ILE A 236 -14.75 18.93 9.53
N ALA A 237 -13.43 19.03 9.65
CA ALA A 237 -12.72 18.54 10.83
C ALA A 237 -13.16 19.32 12.06
N ALA A 238 -13.21 20.65 11.93
CA ALA A 238 -13.61 21.51 13.04
C ALA A 238 -15.02 21.20 13.47
N LYS A 239 -15.87 20.85 12.52
CA LYS A 239 -17.25 20.52 12.81
C LYS A 239 -17.34 19.25 13.66
N HIS A 240 -16.35 18.37 13.54
CA HIS A 240 -16.35 17.12 14.32
C HIS A 240 -15.40 17.12 15.53
N ASN A 241 -14.73 18.24 15.78
CA ASN A 241 -13.77 18.36 16.88
C ASN A 241 -12.63 17.34 16.69
N LYS A 242 -12.22 17.15 15.44
CA LYS A 242 -11.15 16.21 15.09
C LYS A 242 -10.11 16.98 14.27
N THR A 243 -8.96 16.36 14.01
CA THR A 243 -7.93 17.02 13.22
C THR A 243 -8.20 16.72 11.74
N THR A 244 -7.56 17.47 10.84
CA THR A 244 -7.77 17.24 9.41
C THR A 244 -7.28 15.87 8.98
N ALA A 245 -6.18 15.41 9.58
CA ALA A 245 -5.62 14.08 9.26
C ALA A 245 -6.60 12.98 9.67
N GLN A 246 -7.23 13.16 10.84
CA GLN A 246 -8.19 12.20 11.34
C GLN A 246 -9.38 12.08 10.39
N VAL A 247 -9.77 13.20 9.80
CA VAL A 247 -10.87 13.20 8.84
C VAL A 247 -10.43 12.52 7.54
N LEU A 248 -9.22 12.82 7.08
CA LEU A 248 -8.67 12.23 5.87
C LEU A 248 -8.44 10.73 6.01
N ILE A 249 -8.33 10.25 7.24
CA ILE A 249 -8.12 8.81 7.49
C ILE A 249 -9.46 8.09 7.62
N ARG A 250 -10.45 8.75 8.23
CA ARG A 250 -11.78 8.18 8.40
C ARG A 250 -12.51 8.10 7.05
N PHE A 251 -12.20 9.04 6.15
CA PHE A 251 -12.79 9.12 4.82
C PHE A 251 -12.79 7.76 4.08
N PRO A 252 -11.60 7.18 3.81
CA PRO A 252 -11.57 5.88 3.11
C PRO A 252 -12.20 4.70 3.86
N MET A 253 -12.13 4.73 5.19
CA MET A 253 -12.72 3.65 6.00
C MET A 253 -14.22 3.51 5.75
N GLN A 254 -14.92 4.63 5.61
CA GLN A 254 -16.35 4.60 5.38
C GLN A 254 -16.73 4.22 3.95
N ARG A 255 -15.70 4.07 3.11
CA ARG A 255 -15.85 3.65 1.73
C ARG A 255 -15.46 2.18 1.68
N ASN A 256 -15.28 1.59 2.86
CA ASN A 256 -14.88 0.20 3.05
C ASN A 256 -13.49 -0.11 2.48
N LEU A 257 -12.57 0.84 2.65
CA LEU A 257 -11.19 0.67 2.17
C LEU A 257 -10.21 0.57 3.34
N VAL A 258 -9.11 -0.12 3.12
CA VAL A 258 -8.06 -0.25 4.13
C VAL A 258 -7.22 1.01 3.97
N VAL A 259 -6.83 1.64 5.07
CA VAL A 259 -6.03 2.86 5.01
C VAL A 259 -4.70 2.72 5.74
N ILE A 260 -3.62 3.21 5.13
CA ILE A 260 -2.28 3.08 5.71
C ILE A 260 -1.45 4.38 5.76
N PRO A 261 -1.79 5.31 6.65
CA PRO A 261 -1.05 6.57 6.78
C PRO A 261 0.33 6.36 7.38
N LYS A 262 1.31 7.10 6.88
CA LYS A 262 2.67 6.99 7.37
C LYS A 262 3.00 8.08 8.39
N SER A 263 3.79 7.71 9.38
CA SER A 263 4.23 8.64 10.41
C SER A 263 5.34 8.02 11.25
N VAL A 264 6.29 8.85 11.64
CA VAL A 264 7.41 8.43 12.49
C VAL A 264 7.39 9.28 13.77
N THR A 265 6.30 10.02 13.96
CA THR A 265 6.11 10.89 15.12
C THR A 265 5.11 10.23 16.08
N PRO A 266 5.57 9.87 17.30
CA PRO A 266 4.72 9.23 18.30
C PRO A 266 3.35 9.85 18.55
N GLU A 267 3.27 11.17 18.70
CA GLU A 267 1.99 11.83 18.93
C GLU A 267 1.09 11.71 17.70
N ARG A 268 1.67 11.77 16.51
CA ARG A 268 0.88 11.65 15.28
C ARG A 268 0.41 10.22 15.07
N ILE A 269 1.27 9.27 15.41
CA ILE A 269 0.95 7.84 15.30
C ILE A 269 -0.25 7.56 16.19
N ALA A 270 -0.26 8.17 17.38
CA ALA A 270 -1.33 8.01 18.35
C ALA A 270 -2.59 8.74 17.87
N GLU A 271 -2.38 9.92 17.30
CA GLU A 271 -3.48 10.72 16.78
C GLU A 271 -4.21 10.00 15.65
N ASN A 272 -3.44 9.45 14.72
CA ASN A 272 -3.98 8.72 13.57
C ASN A 272 -4.76 7.47 13.93
N PHE A 273 -4.63 7.02 15.17
CA PHE A 273 -5.32 5.84 15.63
C PHE A 273 -6.72 6.14 16.15
N LYS A 274 -6.95 7.37 16.65
CA LYS A 274 -8.25 7.75 17.19
C LYS A 274 -9.25 8.14 16.11
N VAL A 275 -9.60 7.17 15.27
CA VAL A 275 -10.54 7.40 14.17
C VAL A 275 -11.73 6.44 14.16
N PHE A 276 -11.86 5.63 15.21
CA PHE A 276 -12.95 4.67 15.30
C PHE A 276 -14.12 5.18 16.14
N ASP A 277 -13.92 6.29 16.82
CA ASP A 277 -14.93 6.87 17.70
C ASP A 277 -15.86 7.96 17.13
N PHE A 278 -15.86 8.12 15.82
CA PHE A 278 -16.74 9.12 15.20
C PHE A 278 -17.14 8.69 13.80
N GLU A 279 -18.13 9.38 13.24
CA GLU A 279 -18.64 9.07 11.91
C GLU A 279 -18.83 10.33 11.07
N LEU A 280 -18.48 10.23 9.79
CA LEU A 280 -18.67 11.32 8.85
C LEU A 280 -20.08 11.10 8.29
N SER A 281 -20.87 12.15 8.18
CA SER A 281 -22.24 12.04 7.65
C SER A 281 -22.18 11.74 6.16
N SER A 282 -23.31 11.33 5.57
CA SER A 282 -23.33 11.03 4.14
C SER A 282 -23.02 12.28 3.33
N GLN A 283 -23.40 13.43 3.89
CA GLN A 283 -23.19 14.74 3.30
C GLN A 283 -21.68 15.06 3.29
N ASP A 284 -21.01 14.77 4.41
CA ASP A 284 -19.56 14.99 4.52
C ASP A 284 -18.83 14.16 3.47
N MET A 285 -19.24 12.89 3.34
CA MET A 285 -18.65 11.96 2.37
C MET A 285 -18.81 12.42 0.92
N THR A 286 -20.02 12.84 0.55
CA THR A 286 -20.32 13.32 -0.80
C THR A 286 -19.55 14.61 -1.12
N THR A 287 -19.42 15.47 -0.12
CA THR A 287 -18.69 16.73 -0.28
C THR A 287 -17.20 16.45 -0.51
N LEU A 288 -16.62 15.55 0.29
CA LEU A 288 -15.21 15.19 0.16
C LEU A 288 -14.93 14.59 -1.21
N LEU A 289 -15.87 13.78 -1.70
CA LEU A 289 -15.75 13.15 -3.00
C LEU A 289 -15.79 14.18 -4.14
N SER A 290 -16.46 15.31 -3.91
CA SER A 290 -16.57 16.34 -4.94
C SER A 290 -15.29 17.13 -5.15
N TYR A 291 -14.32 16.94 -4.25
CA TYR A 291 -13.04 17.64 -4.32
C TYR A 291 -12.03 17.04 -5.29
N ASN A 292 -12.41 15.95 -5.94
CA ASN A 292 -11.55 15.26 -6.89
C ASN A 292 -11.03 16.14 -8.02
N ARG A 293 -9.73 16.08 -8.26
CA ARG A 293 -9.04 16.85 -9.30
C ARG A 293 -8.25 15.92 -10.22
N ASN A 294 -8.26 14.63 -9.90
CA ASN A 294 -7.51 13.62 -10.64
C ASN A 294 -6.01 13.92 -10.56
N TRP A 295 -5.57 14.27 -9.35
CA TRP A 295 -4.18 14.60 -9.06
C TRP A 295 -3.45 13.43 -8.40
N ARG A 296 -2.43 12.91 -9.05
CA ARG A 296 -1.64 11.79 -8.53
C ARG A 296 -0.32 12.23 -7.91
N VAL A 297 0.00 11.62 -6.78
CA VAL A 297 1.24 11.85 -6.05
C VAL A 297 2.29 10.92 -6.66
N ALA A 298 1.90 9.68 -6.93
CA ALA A 298 2.80 8.69 -7.49
C ALA A 298 2.38 8.32 -8.90
N ALA A 299 3.06 8.91 -9.88
CA ALA A 299 2.71 8.65 -11.27
C ALA A 299 3.74 7.85 -12.05
N LEU A 300 4.85 7.50 -11.40
CA LEU A 300 5.93 6.73 -12.03
C LEU A 300 6.23 7.33 -13.41
N LEU A 301 6.53 8.63 -13.43
CA LEU A 301 6.81 9.35 -14.66
C LEU A 301 7.97 8.89 -15.53
N SER A 302 8.90 8.12 -14.97
CA SER A 302 10.04 7.63 -15.75
C SER A 302 9.68 6.43 -16.62
N CYS A 303 8.52 5.83 -16.37
CA CYS A 303 8.06 4.65 -17.11
C CYS A 303 6.88 4.90 -18.02
N THR A 304 6.66 6.15 -18.38
CA THR A 304 5.54 6.54 -19.25
C THR A 304 5.51 5.77 -20.59
N SER A 305 6.66 5.28 -21.03
CA SER A 305 6.76 4.52 -22.29
C SER A 305 6.77 2.99 -22.11
N HIS A 306 6.73 2.52 -20.87
CA HIS A 306 6.74 1.08 -20.60
C HIS A 306 5.46 0.43 -21.12
N LYS A 307 5.59 -0.77 -21.68
CA LYS A 307 4.45 -1.48 -22.23
C LYS A 307 3.34 -1.76 -21.20
N ASP A 308 3.71 -1.77 -19.92
CA ASP A 308 2.77 -2.04 -18.83
C ASP A 308 2.43 -0.87 -17.91
N TYR A 309 2.75 0.35 -18.35
CA TYR A 309 2.44 1.56 -17.57
C TYR A 309 0.93 1.51 -17.31
N PRO A 310 0.52 1.61 -16.03
CA PRO A 310 -0.90 1.56 -15.69
C PRO A 310 -1.77 2.82 -15.81
N PHE A 311 -1.17 3.99 -15.94
CA PHE A 311 -1.97 5.21 -15.96
C PHE A 311 -2.37 5.88 -17.28
N HIS A 312 -2.43 5.11 -18.37
CA HIS A 312 -2.87 5.66 -19.66
C HIS A 312 -4.39 5.47 -19.78
N GLU A 313 -4.89 4.37 -19.21
CA GLU A 313 -6.32 4.05 -19.21
C GLU A 313 -7.08 4.99 -18.26
N GLU A 314 -8.39 5.13 -18.47
CA GLU A 314 -9.17 6.01 -17.60
C GLU A 314 -9.19 5.48 -16.16
N PHE A 315 -9.25 4.16 -16.01
CA PHE A 315 -9.25 3.52 -14.70
C PHE A 315 -8.78 2.08 -14.82
PA NAP B . 0.90 9.87 3.85
O1A NAP B . -0.22 10.33 3.03
O2A NAP B . 0.65 8.86 4.88
O5B NAP B . 1.57 11.10 4.56
C5B NAP B . 2.76 10.93 5.34
C4B NAP B . 3.15 12.32 5.77
O4B NAP B . 2.11 12.97 6.51
C3B NAP B . 4.37 12.37 6.65
O3B NAP B . 5.10 13.53 6.31
C2B NAP B . 3.84 12.46 8.06
O2B NAP B . 4.79 13.15 8.86
C1B NAP B . 2.61 13.31 7.81
N9A NAP B . 1.58 13.07 8.86
C8A NAP B . 1.15 11.88 9.35
N7A NAP B . 0.19 12.06 10.26
C5A NAP B . 0.04 13.38 10.32
C6A NAP B . -0.82 14.07 11.17
N6A NAP B . -1.63 13.45 12.02
N1A NAP B . -0.77 15.42 11.09
C2A NAP B . 0.04 16.04 10.24
N3A NAP B . 0.85 15.37 9.43
C4A NAP B . 0.89 14.03 9.45
O3 NAP B . 2.05 9.43 2.84
PN NAP B . 2.74 8.15 2.16
O1N NAP B . 3.88 7.76 3.01
O2N NAP B . 3.01 8.49 0.76
O5D NAP B . 1.57 7.05 2.14
C5D NAP B . 1.37 6.11 3.23
C4D NAP B . 1.97 4.74 2.94
O4D NAP B . 1.38 4.22 1.75
C3D NAP B . 3.46 4.71 2.63
O3D NAP B . 4.37 4.94 3.71
C2D NAP B . 3.55 3.34 2.04
O2D NAP B . 3.65 2.34 3.05
C1D NAP B . 2.27 3.24 1.23
N1N NAP B . 2.51 3.56 -0.19
C2N NAP B . 2.49 2.54 -1.15
C3N NAP B . 2.78 2.83 -2.49
C7N NAP B . 2.65 1.78 -3.59
O7N NAP B . 2.99 2.03 -4.75
N7N NAP B . 2.11 0.62 -3.22
C4N NAP B . 3.08 4.16 -2.83
C5N NAP B . 3.09 5.18 -1.89
C6N NAP B . 2.82 4.87 -0.57
P2B NAP B . 5.64 12.48 10.04
O1X NAP B . 6.06 11.16 9.55
O2X NAP B . 6.73 13.47 10.14
O3X NAP B . 4.74 12.53 11.20
C1 PAC C . 6.44 3.50 -3.80
C2 PAC C . 7.11 4.84 -3.57
C1' PAC C . 8.52 4.88 -4.07
C2' PAC C . 8.92 5.83 -5.02
C3' PAC C . 10.25 5.91 -5.45
C4' PAC C . 11.20 5.02 -4.94
C5' PAC C . 10.82 4.08 -3.99
C6' PAC C . 9.49 4.01 -3.57
O1 PAC C . 5.95 2.90 -2.82
O2 PAC C . 6.40 3.04 -4.97
#